data_4O3F
#
_entry.id   4O3F
#
_cell.length_a   59.152
_cell.length_b   71.397
_cell.length_c   92.256
_cell.angle_alpha   90.00
_cell.angle_beta   90.00
_cell.angle_gamma   90.00
#
_symmetry.space_group_name_H-M   'P 21 21 2'
#
loop_
_entity.id
_entity.type
_entity.pdbx_description
1 polymer 'Phosphoglycerate kinase 1'
2 non-polymer [4-(4-amino-6,7-dimethoxyquinazolin-2-yl)piperazin-1-yl][(2R)-tetrahydrofuran-2-yl]methanone
3 non-polymer '3-PHOSPHOGLYCERIC ACID'
4 water water
#
_entity_poly.entity_id   1
_entity_poly.type   'polypeptide(L)'
_entity_poly.pdbx_seq_one_letter_code
;MSLSNKLTLDKLDVKGKRVVMRVDFNVPMKNNQITNNQRIKAAVPSIKFCLDNGAKSVVLMSHLGRPDGVPMPDKYSLEP
VAAELKSLLGKDVLFLKDCVGPEVENACANPAAGTVILLENLRFHVEEEGKGKDASGNKVKAEPAKIDAFRASLSKLGDV
YVNDAFGTAHRAHSSMVGVNLPQKAGGFLMKKELNYFAKALESPERPFLAILGGAKVADKIQLINNMLDKVNEMIIGGGM
AFTFLKVLNNMEIGTSLYDEEGAKIVKDLMSKAEKNGVKITLPVDFVTADKFDENAKTGQATVASGIPAGWMGLDCGTES
SKKYAEAVGRAKQIVWNGPVGVFEWEAFARGTKSLMDEVVKATSRGCITIIGGGDTATCCAKWNTEDKVSHVSTGGGASL
ELLEGKVLPGVDALSNV
;
_entity_poly.pdbx_strand_id   A
#
loop_
_chem_comp.id
_chem_comp.type
_chem_comp.name
_chem_comp.formula
3PG non-polymer '3-PHOSPHOGLYCERIC ACID' 'C3 H7 O7 P'
TZN non-polymer [4-(4-amino-6,7-dimethoxyquinazolin-2-yl)piperazin-1-yl][(2R)-tetrahydrofuran-2-yl]methanone 'C19 H25 N5 O4'
#
# COMPACT_ATOMS: atom_id res chain seq x y z
N MET A 1 -11.27 -12.58 5.98
CA MET A 1 -10.25 -11.59 5.68
C MET A 1 -10.38 -10.35 6.57
N SER A 2 -11.59 -10.04 7.00
CA SER A 2 -11.86 -8.85 7.77
C SER A 2 -11.40 -8.98 9.19
N LEU A 3 -11.65 -7.97 9.97
CA LEU A 3 -11.25 -7.90 11.35
C LEU A 3 -12.41 -8.33 12.21
N SER A 4 -13.33 -9.05 11.63
CA SER A 4 -14.51 -9.43 12.34
C SER A 4 -14.19 -10.26 13.57
N ASN A 5 -13.21 -11.14 13.47
CA ASN A 5 -12.80 -11.99 14.55
C ASN A 5 -11.84 -11.41 15.54
N LYS A 6 -11.33 -10.22 15.29
CA LYS A 6 -10.28 -9.60 16.11
C LYS A 6 -10.79 -8.44 16.97
N LEU A 7 -10.16 -8.26 18.13
CA LEU A 7 -10.38 -7.06 18.95
C LEU A 7 -10.13 -5.79 18.12
N THR A 8 -11.10 -4.89 18.09
CA THR A 8 -10.88 -3.60 17.43
C THR A 8 -11.00 -2.42 18.41
N LEU A 9 -10.56 -1.24 17.95
CA LEU A 9 -10.49 -0.07 18.80
C LEU A 9 -11.85 0.36 19.34
N ASP A 10 -12.89 0.16 18.54
CA ASP A 10 -14.24 0.56 18.90
C ASP A 10 -14.82 -0.22 20.10
N LYS A 11 -14.26 -1.39 20.36
CA LYS A 11 -14.69 -2.15 21.53
C LYS A 11 -13.57 -2.22 22.57
N LEU A 12 -12.58 -1.33 22.44
CA LEU A 12 -11.48 -1.27 23.40
C LEU A 12 -11.65 -0.09 24.34
N ASP A 13 -11.66 -0.33 25.65
CA ASP A 13 -11.78 0.78 26.58
C ASP A 13 -10.44 1.46 26.80
N VAL A 14 -10.40 2.77 26.54
CA VAL A 14 -9.14 3.51 26.59
C VAL A 14 -9.16 4.60 27.64
N LYS A 15 -10.28 4.72 28.34
CA LYS A 15 -10.42 5.82 29.30
C LYS A 15 -9.40 5.65 30.42
N GLY A 16 -8.62 6.71 30.65
CA GLY A 16 -7.61 6.73 31.69
C GLY A 16 -6.35 5.98 31.30
N LYS A 17 -6.35 5.41 30.09
CA LYS A 17 -5.28 4.52 29.68
C LYS A 17 -4.28 5.16 28.71
N ARG A 18 -3.03 4.71 28.81
CA ARG A 18 -2.02 5.04 27.83
C ARG A 18 -2.17 4.07 26.64
N VAL A 19 -2.35 4.64 25.46
CA VAL A 19 -2.40 3.86 24.23
C VAL A 19 -1.07 3.96 23.47
N VAL A 20 -0.35 2.84 23.33
CA VAL A 20 0.79 2.81 22.41
C VAL A 20 0.26 2.29 21.07
N MET A 21 0.43 3.13 20.07
CA MET A 21 -0.12 2.94 18.76
C MET A 21 0.88 3.02 17.62
N ARG A 22 0.90 1.89 16.92
CA ARG A 22 1.75 1.68 15.76
C ARG A 22 0.98 2.08 14.50
N VAL A 23 1.51 3.10 13.82
CA VAL A 23 0.91 3.69 12.63
C VAL A 23 1.88 3.60 11.48
N ASP A 24 1.39 3.73 10.25
CA ASP A 24 2.32 3.79 9.13
C ASP A 24 2.46 5.24 8.73
N PHE A 25 3.50 5.87 9.24
CA PHE A 25 3.84 7.23 8.88
C PHE A 25 5.05 7.24 7.95
N ASN A 26 5.24 6.19 7.18
CA ASN A 26 6.31 6.12 6.22
C ASN A 26 5.85 6.84 4.95
N VAL A 27 5.89 8.15 5.00
CA VAL A 27 5.43 8.98 3.88
C VAL A 27 6.55 9.38 2.91
N PRO A 28 6.18 9.64 1.65
CA PRO A 28 7.09 10.21 0.65
C PRO A 28 7.69 11.54 1.13
N MET A 29 9.02 11.68 1.12
CA MET A 29 9.67 12.95 1.46
C MET A 29 10.73 13.41 0.44
N LYS A 30 11.11 14.68 0.53
CA LYS A 30 12.13 15.29 -0.33
C LYS A 30 12.83 16.42 0.43
N ASN A 31 14.12 16.24 0.70
CA ASN A 31 14.88 17.18 1.53
C ASN A 31 14.25 17.37 2.90
N ASN A 32 13.79 16.26 3.47
CA ASN A 32 13.06 16.28 4.74
C ASN A 32 11.78 17.13 4.69
N GLN A 33 11.19 17.24 3.50
CA GLN A 33 9.87 17.83 3.29
C GLN A 33 8.81 16.80 2.79
N ILE A 34 7.69 16.70 3.51
CA ILE A 34 6.67 15.69 3.19
C ILE A 34 5.95 16.06 1.91
N THR A 35 5.81 15.09 1.00
CA THR A 35 5.22 15.35 -0.33
C THR A 35 3.91 14.59 -0.58
N ASN A 36 3.52 13.76 0.38
CA ASN A 36 2.17 13.21 0.39
C ASN A 36 1.86 12.76 1.81
N ASN A 37 0.84 13.38 2.40
CA ASN A 37 0.53 13.11 3.79
C ASN A 37 -0.67 12.18 4.01
N GLN A 38 -1.13 11.48 2.97
CA GLN A 38 -2.33 10.66 3.10
C GLN A 38 -2.23 9.67 4.28
N ARG A 39 -1.05 9.04 4.43
CA ARG A 39 -0.87 8.06 5.50
C ARG A 39 -1.07 8.68 6.88
N ILE A 40 -0.62 9.93 7.04
CA ILE A 40 -0.82 10.67 8.29
C ILE A 40 -2.31 10.93 8.56
N LYS A 41 -2.99 11.55 7.59
CA LYS A 41 -4.42 11.82 7.73
C LYS A 41 -5.23 10.56 8.02
N ALA A 42 -4.81 9.45 7.41
CA ALA A 42 -5.57 8.20 7.50
C ALA A 42 -5.58 7.67 8.92
N ALA A 43 -4.58 8.04 9.72
CA ALA A 43 -4.49 7.55 11.11
C ALA A 43 -5.26 8.43 12.10
N VAL A 44 -5.67 9.62 11.65
CA VAL A 44 -6.27 10.61 12.54
C VAL A 44 -7.53 10.15 13.28
N PRO A 45 -8.44 9.44 12.57
CA PRO A 45 -9.67 8.95 13.21
C PRO A 45 -9.42 8.05 14.42
N SER A 46 -8.43 7.16 14.37
CA SER A 46 -8.12 6.33 15.54
C SER A 46 -7.53 7.19 16.67
N ILE A 47 -6.69 8.15 16.30
CA ILE A 47 -6.07 9.03 17.28
C ILE A 47 -7.12 9.89 17.96
N LYS A 48 -7.98 10.52 17.15
CA LYS A 48 -9.02 11.40 17.67
C LYS A 48 -9.94 10.58 18.57
N PHE A 49 -10.24 9.36 18.15
CA PHE A 49 -11.07 8.47 18.96
C PHE A 49 -10.48 8.24 20.35
N CYS A 50 -9.20 7.86 20.41
CA CYS A 50 -8.53 7.66 21.69
C CYS A 50 -8.65 8.93 22.55
N LEU A 51 -8.33 10.09 21.96
CA LEU A 51 -8.42 11.37 22.68
C LEU A 51 -9.85 11.66 23.20
N ASP A 52 -10.85 11.51 22.34
CA ASP A 52 -12.24 11.85 22.70
C ASP A 52 -12.86 10.88 23.71
N ASN A 53 -12.29 9.69 23.81
CA ASN A 53 -12.73 8.71 24.80
C ASN A 53 -11.81 8.64 26.03
N GLY A 54 -11.11 9.70 26.29
CA GLY A 54 -10.34 9.81 27.50
C GLY A 54 -9.02 9.17 27.70
N ALA A 55 -8.33 8.86 26.65
CA ALA A 55 -7.04 8.20 26.78
C ALA A 55 -6.11 9.13 27.53
N LYS A 56 -5.34 8.59 28.48
CA LYS A 56 -4.34 9.42 29.16
C LYS A 56 -3.34 9.95 28.14
N SER A 57 -2.94 9.09 27.20
CA SER A 57 -1.91 9.42 26.24
C SER A 57 -2.04 8.57 24.99
N VAL A 58 -1.51 9.08 23.87
CA VAL A 58 -1.38 8.28 22.65
C VAL A 58 0.08 8.38 22.21
N VAL A 59 0.80 7.26 22.30
CA VAL A 59 2.19 7.21 21.85
C VAL A 59 2.26 6.62 20.44
N LEU A 60 2.68 7.42 19.47
CA LEU A 60 2.74 6.98 18.06
C LEU A 60 4.13 6.48 17.68
N MET A 61 4.20 5.33 17.01
CA MET A 61 5.48 4.79 16.55
C MET A 61 5.37 4.30 15.10
N SER A 62 6.41 4.55 14.31
CA SER A 62 6.42 4.19 12.90
C SER A 62 7.85 4.07 12.38
N HIS A 63 8.01 3.48 11.21
CA HIS A 63 9.28 3.60 10.49
C HIS A 63 9.16 4.69 9.44
N LEU A 64 10.28 4.99 8.79
CA LEU A 64 10.30 5.90 7.66
C LEU A 64 11.51 5.51 6.82
N GLY A 65 11.27 5.21 5.54
CA GLY A 65 12.33 4.76 4.65
C GLY A 65 12.98 3.47 5.13
N ARG A 66 14.23 3.24 4.74
CA ARG A 66 14.94 2.04 5.15
C ARG A 66 16.36 2.37 5.59
N PRO A 67 16.50 2.95 6.80
CA PRO A 67 17.81 3.28 7.36
C PRO A 67 18.58 2.03 7.79
N ASP A 68 17.90 0.87 7.76
CA ASP A 68 18.54 -0.42 8.06
C ASP A 68 19.24 -0.53 9.41
N GLY A 69 18.66 0.04 10.46
CA GLY A 69 19.10 -0.26 11.82
C GLY A 69 20.27 0.60 12.29
N VAL A 70 20.42 1.74 11.63
CA VAL A 70 21.44 2.73 12.00
C VAL A 70 20.76 4.09 12.02
N PRO A 71 21.00 4.88 13.08
CA PRO A 71 20.29 6.16 13.14
C PRO A 71 20.71 7.09 11.98
N MET A 72 19.74 7.58 11.22
CA MET A 72 19.99 8.54 10.16
C MET A 72 19.06 9.73 10.32
N PRO A 73 19.27 10.50 11.39
CA PRO A 73 18.31 11.55 11.74
C PRO A 73 18.33 12.70 10.74
N ASP A 74 19.35 12.77 9.89
CA ASP A 74 19.43 13.85 8.90
C ASP A 74 18.86 13.45 7.56
N LYS A 75 18.40 12.21 7.48
CA LYS A 75 17.84 11.69 6.28
C LYS A 75 16.44 11.10 6.45
N TYR A 76 16.22 10.37 7.51
CA TYR A 76 14.96 9.72 7.74
C TYR A 76 14.26 10.01 9.08
N SER A 77 14.38 11.20 9.63
CA SER A 77 13.71 11.50 10.90
C SER A 77 12.22 11.67 10.69
N LEU A 78 11.44 11.28 11.71
CA LEU A 78 9.99 11.50 11.71
C LEU A 78 9.65 12.88 12.27
N GLU A 79 10.66 13.67 12.65
CA GLU A 79 10.41 15.00 13.18
C GLU A 79 9.47 15.82 12.29
N PRO A 80 9.74 15.84 10.97
CA PRO A 80 8.83 16.57 10.09
C PRO A 80 7.39 16.06 10.21
N VAL A 81 7.23 14.77 10.47
CA VAL A 81 5.90 14.16 10.58
C VAL A 81 5.14 14.64 11.82
N ALA A 82 5.87 14.88 12.92
CA ALA A 82 5.27 15.47 14.13
C ALA A 82 4.61 16.83 13.86
N ALA A 83 5.31 17.66 13.08
CA ALA A 83 4.80 18.98 12.74
C ALA A 83 3.54 18.84 11.90
N GLU A 84 3.58 17.92 10.93
CA GLU A 84 2.42 17.71 10.07
C GLU A 84 1.20 17.18 10.85
N LEU A 85 1.45 16.25 11.78
CA LEU A 85 0.35 15.70 12.59
C LEU A 85 -0.31 16.77 13.47
N LYS A 86 0.52 17.63 14.08
CA LYS A 86 0.02 18.78 14.84
C LYS A 86 -0.99 19.60 14.04
N SER A 87 -0.62 20.03 12.84
CA SER A 87 -1.54 20.80 12.00
C SER A 87 -2.85 20.04 11.73
N LEU A 88 -2.74 18.75 11.42
CA LEU A 88 -3.91 17.93 11.15
C LEU A 88 -4.75 17.67 12.40
N LEU A 89 -4.09 17.49 13.54
CA LEU A 89 -4.79 17.27 14.80
C LEU A 89 -5.30 18.56 15.40
N GLY A 90 -4.60 19.67 15.12
CA GLY A 90 -4.86 20.93 15.78
C GLY A 90 -4.58 20.75 17.26
N LYS A 91 -3.43 20.14 17.56
CA LYS A 91 -2.99 19.88 18.91
C LYS A 91 -1.51 19.58 18.96
N ASP A 92 -0.84 19.85 20.06
CA ASP A 92 0.61 19.64 20.19
C ASP A 92 0.99 18.15 20.10
N VAL A 93 2.01 17.86 19.29
CA VAL A 93 2.57 16.51 19.22
C VAL A 93 3.98 16.54 19.81
N LEU A 94 4.19 15.88 20.95
CA LEU A 94 5.52 15.86 21.54
C LEU A 94 6.41 14.84 20.80
N PHE A 95 7.53 15.32 20.26
CA PHE A 95 8.44 14.47 19.49
C PHE A 95 9.68 14.05 20.26
N LEU A 96 9.86 12.75 20.41
CA LEU A 96 11.03 12.22 21.11
C LEU A 96 12.10 11.75 20.10
N LYS A 97 13.37 12.00 20.42
CA LYS A 97 14.47 11.71 19.48
C LYS A 97 14.88 10.24 19.48
N ASP A 98 14.11 9.40 20.16
CA ASP A 98 14.35 7.96 20.18
C ASP A 98 13.02 7.25 20.38
N CYS A 99 13.03 5.92 20.33
CA CYS A 99 11.78 5.16 20.47
C CYS A 99 11.83 4.12 21.59
N VAL A 100 13.04 3.81 22.04
CA VAL A 100 13.20 2.95 23.21
C VAL A 100 14.22 3.55 24.16
N GLY A 101 14.36 2.92 25.33
CA GLY A 101 15.31 3.34 26.33
C GLY A 101 14.66 4.01 27.53
N PRO A 102 15.45 4.23 28.59
CA PRO A 102 15.00 4.82 29.87
C PRO A 102 14.31 6.18 29.69
N GLU A 103 14.92 7.07 28.92
CA GLU A 103 14.37 8.41 28.68
C GLU A 103 12.98 8.38 28.04
N VAL A 104 12.85 7.59 26.96
CA VAL A 104 11.55 7.44 26.29
C VAL A 104 10.52 6.78 27.24
N GLU A 105 10.92 5.73 27.94
CA GLU A 105 10.04 5.13 28.95
C GLU A 105 9.60 6.13 30.04
N ASN A 106 10.55 6.89 30.60
CA ASN A 106 10.21 7.91 31.59
C ASN A 106 9.23 8.92 31.00
N ALA A 107 9.51 9.34 29.77
CA ALA A 107 8.65 10.30 29.07
C ALA A 107 7.22 9.76 28.87
N CYS A 108 7.08 8.44 28.74
CA CYS A 108 5.77 7.87 28.43
C CYS A 108 5.07 7.26 29.64
N ALA A 109 5.77 7.18 30.75
CA ALA A 109 5.26 6.46 31.89
C ALA A 109 3.94 6.94 32.43
N ASN A 110 3.77 8.25 32.55
CA ASN A 110 2.51 8.79 33.03
C ASN A 110 2.34 10.22 32.57
N PRO A 111 2.07 10.40 31.31
CA PRO A 111 1.93 11.73 30.74
C PRO A 111 0.69 12.43 31.17
N ALA A 112 0.65 13.74 31.05
CA ALA A 112 -0.53 14.51 31.37
C ALA A 112 -1.65 14.10 30.46
N ALA A 113 -2.87 14.10 30.95
CA ALA A 113 -4.00 13.59 30.17
C ALA A 113 -4.10 14.30 28.83
N GLY A 114 -4.25 13.49 27.79
CA GLY A 114 -4.41 14.02 26.46
C GLY A 114 -3.15 14.22 25.66
N THR A 115 -1.97 13.90 26.21
CA THR A 115 -0.74 14.09 25.43
C THR A 115 -0.62 13.12 24.26
N VAL A 116 -0.24 13.66 23.11
CA VAL A 116 0.10 12.88 21.94
C VAL A 116 1.60 12.94 21.74
N ILE A 117 2.23 11.77 21.68
CA ILE A 117 3.67 11.66 21.51
C ILE A 117 3.97 10.96 20.17
N LEU A 118 4.93 11.47 19.39
CA LEU A 118 5.47 10.69 18.28
C LEU A 118 6.90 10.30 18.58
N LEU A 119 7.19 8.99 18.50
CA LEU A 119 8.55 8.50 18.71
C LEU A 119 9.40 8.70 17.45
N GLU A 120 10.72 8.63 17.58
CA GLU A 120 11.62 8.69 16.42
C GLU A 120 11.63 7.36 15.63
N ASN A 121 12.14 7.37 14.42
CA ASN A 121 12.04 6.26 13.49
C ASN A 121 12.46 4.93 14.10
N LEU A 122 11.54 3.98 14.08
CA LEU A 122 11.73 2.66 14.68
C LEU A 122 12.91 1.92 14.04
N ARG A 123 13.17 2.21 12.77
CA ARG A 123 14.22 1.50 12.04
C ARG A 123 15.63 2.02 12.29
N PHE A 124 15.75 3.04 13.13
CA PHE A 124 17.07 3.46 13.62
C PHE A 124 17.69 2.37 14.52
N HIS A 125 16.90 1.35 14.84
CA HIS A 125 17.34 0.23 15.66
C HIS A 125 17.21 -1.05 14.85
N VAL A 126 18.29 -1.82 14.81
CA VAL A 126 18.28 -3.06 14.04
C VAL A 126 17.25 -4.06 14.61
N GLU A 127 16.89 -3.90 15.88
CA GLU A 127 15.91 -4.79 16.49
C GLU A 127 14.47 -4.68 15.96
N GLU A 128 14.11 -3.55 15.34
CA GLU A 128 12.78 -3.44 14.72
C GLU A 128 12.59 -4.54 13.67
N GLU A 129 13.36 -4.47 12.59
CA GLU A 129 13.29 -5.46 11.52
C GLU A 129 13.92 -6.80 11.90
N GLY A 130 14.77 -6.82 12.93
CA GLY A 130 15.46 -8.04 13.31
C GLY A 130 16.77 -8.26 12.56
N LYS A 131 17.01 -7.44 11.54
CA LYS A 131 18.25 -7.50 10.76
C LYS A 131 18.44 -6.15 10.09
N GLY A 132 19.59 -5.95 9.45
CA GLY A 132 19.88 -4.70 8.78
C GLY A 132 21.31 -4.63 8.30
N LYS A 133 21.92 -3.47 8.39
CA LYS A 133 23.25 -3.21 7.85
C LYS A 133 24.02 -2.37 8.75
N ASP A 134 25.29 -2.67 8.96
CA ASP A 134 26.10 -1.80 9.78
C ASP A 134 26.44 -0.50 9.10
N ALA A 135 27.15 0.34 9.82
CA ALA A 135 27.52 1.63 9.35
C ALA A 135 28.45 1.58 8.16
N SER A 136 28.89 0.40 7.80
CA SER A 136 29.78 0.24 6.68
C SER A 136 29.07 -0.48 5.57
N GLY A 137 27.78 -0.68 5.73
CA GLY A 137 26.98 -1.37 4.75
C GLY A 137 27.01 -2.87 4.70
N ASN A 138 27.61 -3.53 5.70
CA ASN A 138 27.57 -4.98 5.80
C ASN A 138 26.27 -5.42 6.45
N LYS A 139 25.69 -6.50 5.99
CA LYS A 139 24.50 -7.00 6.58
C LYS A 139 24.74 -7.48 7.98
N VAL A 140 23.82 -7.21 8.87
CA VAL A 140 23.95 -7.65 10.24
C VAL A 140 22.66 -8.23 10.74
N LYS A 141 22.72 -9.05 11.76
CA LYS A 141 21.51 -9.62 12.34
C LYS A 141 21.33 -9.10 13.76
N ALA A 142 20.07 -8.85 14.14
CA ALA A 142 19.79 -8.43 15.51
C ALA A 142 19.97 -9.64 16.43
N GLU A 143 20.25 -9.40 17.71
CA GLU A 143 20.43 -10.50 18.68
C GLU A 143 19.16 -10.71 19.51
N PRO A 144 18.73 -11.98 19.67
CA PRO A 144 17.46 -12.29 20.34
C PRO A 144 17.24 -11.50 21.64
N ALA A 145 18.21 -11.52 22.55
CA ALA A 145 18.06 -10.79 23.81
C ALA A 145 17.79 -9.30 23.58
N LYS A 146 18.51 -8.69 22.63
CA LYS A 146 18.31 -7.27 22.34
C LYS A 146 16.95 -7.03 21.66
N ILE A 147 16.55 -7.95 20.78
CA ILE A 147 15.21 -7.84 20.22
C ILE A 147 14.16 -7.88 21.33
N ASP A 148 14.33 -8.83 22.26
CA ASP A 148 13.40 -8.93 23.38
C ASP A 148 13.38 -7.63 24.17
N ALA A 149 14.57 -7.09 24.47
CA ALA A 149 14.64 -5.89 25.31
C ALA A 149 14.07 -4.70 24.54
N PHE A 150 14.27 -4.69 23.22
CA PHE A 150 13.67 -3.66 22.39
C PHE A 150 12.15 -3.72 22.50
N ARG A 151 11.60 -4.93 22.32
CA ARG A 151 10.16 -5.12 22.41
C ARG A 151 9.62 -4.75 23.79
N ALA A 152 10.32 -5.15 24.84
CA ALA A 152 9.88 -4.84 26.20
C ALA A 152 9.86 -3.33 26.45
N SER A 153 10.77 -2.61 25.82
CA SER A 153 10.80 -1.15 25.96
C SER A 153 9.55 -0.54 25.33
N LEU A 154 9.26 -0.92 24.08
CA LEU A 154 8.09 -0.40 23.38
C LEU A 154 6.83 -0.70 24.15
N SER A 155 6.75 -1.91 24.71
CA SER A 155 5.56 -2.36 25.42
C SER A 155 5.31 -1.55 26.70
N LYS A 156 6.38 -0.98 27.27
CA LYS A 156 6.24 -0.19 28.50
C LYS A 156 5.60 1.19 28.26
N LEU A 157 5.49 1.57 26.99
CA LEU A 157 5.02 2.91 26.61
C LEU A 157 3.50 3.05 26.66
N GLY A 158 2.80 1.93 26.78
CA GLY A 158 1.35 1.96 26.89
C GLY A 158 0.75 0.88 27.79
N ASP A 159 -0.55 1.03 28.07
CA ASP A 159 -1.30 0.02 28.82
C ASP A 159 -2.01 -0.93 27.86
N VAL A 160 -2.39 -0.40 26.70
CA VAL A 160 -3.06 -1.20 25.67
C VAL A 160 -2.44 -0.88 24.31
N TYR A 161 -2.56 -1.81 23.37
CA TYR A 161 -1.91 -1.66 22.07
C TYR A 161 -2.93 -1.58 20.95
N VAL A 162 -2.73 -0.59 20.08
CA VAL A 162 -3.53 -0.45 18.87
C VAL A 162 -2.57 -0.44 17.68
N ASN A 163 -2.84 -1.27 16.68
CA ASN A 163 -2.10 -1.24 15.42
C ASN A 163 -3.00 -0.66 14.35
N ASP A 164 -2.64 0.51 13.81
CA ASP A 164 -3.42 1.11 12.72
C ASP A 164 -2.57 1.19 11.46
N ALA A 165 -1.44 0.47 11.48
CA ALA A 165 -0.47 0.55 10.40
C ALA A 165 -0.75 -0.45 9.27
N PHE A 166 -1.88 -0.28 8.58
CA PHE A 166 -2.21 -1.20 7.49
C PHE A 166 -1.09 -1.29 6.47
N GLY A 167 -0.50 -0.13 6.14
CA GLY A 167 0.56 -0.08 5.16
C GLY A 167 1.75 -0.95 5.49
N THR A 168 1.92 -1.26 6.78
CA THR A 168 3.05 -2.07 7.21
C THR A 168 2.63 -3.48 7.61
N ALA A 169 1.35 -3.81 7.40
CA ALA A 169 0.78 -5.01 8.01
C ALA A 169 1.38 -6.31 7.47
N HIS A 170 2.10 -6.22 6.34
CA HIS A 170 2.77 -7.40 5.79
C HIS A 170 4.14 -7.68 6.43
N ARG A 171 4.58 -6.81 7.32
CA ARG A 171 5.88 -6.91 7.91
C ARG A 171 5.83 -7.38 9.33
N ALA A 172 6.46 -8.50 9.60
CA ALA A 172 6.46 -9.03 10.91
C ALA A 172 7.57 -8.43 11.72
N HIS A 173 7.54 -7.13 11.90
CA HIS A 173 8.55 -6.42 12.60
C HIS A 173 8.20 -6.27 14.06
N SER A 174 9.13 -5.87 14.89
CA SER A 174 8.91 -5.81 16.34
C SER A 174 7.67 -5.01 16.79
N SER A 175 7.52 -3.80 16.26
CA SER A 175 6.42 -2.93 16.65
C SER A 175 5.07 -3.44 16.13
N MET A 176 5.13 -4.40 15.21
CA MET A 176 3.96 -4.90 14.50
C MET A 176 3.45 -6.23 15.09
N VAL A 177 4.37 -7.10 15.48
CA VAL A 177 3.98 -8.43 15.96
C VAL A 177 4.53 -8.73 17.36
N GLY A 178 5.34 -7.82 17.90
CA GLY A 178 6.11 -8.13 19.11
C GLY A 178 5.81 -7.35 20.37
N VAL A 179 4.73 -6.58 20.36
CA VAL A 179 4.33 -5.82 21.56
C VAL A 179 3.61 -6.73 22.57
N ASN A 180 4.19 -6.88 23.74
CA ASN A 180 3.65 -7.76 24.73
C ASN A 180 2.69 -7.10 25.68
N LEU A 181 1.58 -6.67 25.18
CA LEU A 181 0.45 -6.20 25.98
C LEU A 181 -0.71 -7.17 25.79
N PRO A 182 -1.53 -7.34 26.84
CA PRO A 182 -2.60 -8.34 26.72
C PRO A 182 -3.65 -7.94 25.67
N GLN A 183 -4.03 -6.68 25.63
CA GLN A 183 -4.98 -6.24 24.64
C GLN A 183 -4.30 -5.56 23.46
N LYS A 184 -4.45 -6.15 22.29
CA LYS A 184 -3.85 -5.69 21.06
C LYS A 184 -4.95 -5.52 20.01
N ALA A 185 -5.41 -4.28 19.83
CA ALA A 185 -6.56 -4.01 18.96
C ALA A 185 -6.15 -3.39 17.62
N GLY A 186 -6.91 -3.68 16.57
CA GLY A 186 -6.72 -3.00 15.31
C GLY A 186 -7.44 -1.68 15.31
N GLY A 187 -6.83 -0.65 14.70
CA GLY A 187 -7.45 0.67 14.64
C GLY A 187 -8.45 0.78 13.50
N PHE A 188 -9.02 1.96 13.31
CA PHE A 188 -10.06 2.18 12.30
C PHE A 188 -9.57 2.05 10.86
N LEU A 189 -8.33 2.45 10.62
CA LEU A 189 -7.75 2.32 9.28
C LEU A 189 -7.52 0.83 8.94
N MET A 190 -6.89 0.10 9.86
CA MET A 190 -6.74 -1.33 9.70
C MET A 190 -8.10 -2.01 9.41
N LYS A 191 -9.13 -1.59 10.14
CA LYS A 191 -10.47 -2.17 10.04
C LYS A 191 -11.12 -1.84 8.69
N LYS A 192 -10.99 -0.58 8.27
CA LYS A 192 -11.58 -0.10 7.02
C LYS A 192 -10.92 -0.76 5.82
N GLU A 193 -9.59 -0.75 5.79
CA GLU A 193 -8.87 -1.37 4.71
C GLU A 193 -9.32 -2.82 4.55
N LEU A 194 -9.29 -3.59 5.64
CA LEU A 194 -9.66 -5.00 5.59
C LEU A 194 -11.13 -5.27 5.22
N ASN A 195 -12.03 -4.37 5.60
CA ASN A 195 -13.44 -4.47 5.19
C ASN A 195 -13.60 -4.32 3.68
N TYR A 196 -12.92 -3.33 3.10
CA TYR A 196 -13.02 -3.12 1.65
C TYR A 196 -12.43 -4.27 0.84
N PHE A 197 -11.22 -4.70 1.20
CA PHE A 197 -10.61 -5.83 0.50
C PHE A 197 -11.35 -7.17 0.73
N ALA A 198 -11.87 -7.38 1.94
CA ALA A 198 -12.67 -8.59 2.21
C ALA A 198 -13.96 -8.63 1.39
N LYS A 199 -14.65 -7.49 1.30
CA LYS A 199 -15.84 -7.39 0.47
C LYS A 199 -15.49 -7.75 -0.98
N ALA A 200 -14.47 -7.11 -1.50
CA ALA A 200 -14.10 -7.29 -2.90
C ALA A 200 -13.70 -8.74 -3.18
N LEU A 201 -12.97 -9.36 -2.26
CA LEU A 201 -12.32 -10.63 -2.57
C LEU A 201 -13.15 -11.87 -2.16
N GLU A 202 -13.93 -11.73 -1.12
CA GLU A 202 -14.76 -12.80 -0.65
C GLU A 202 -16.18 -12.71 -1.11
N SER A 203 -16.69 -11.51 -1.17
CA SER A 203 -18.10 -11.31 -1.43
C SER A 203 -18.43 -10.16 -2.36
N PRO A 204 -17.70 -9.98 -3.42
CA PRO A 204 -18.04 -8.90 -4.31
C PRO A 204 -19.36 -8.83 -5.01
N GLU A 205 -19.77 -7.61 -5.26
CA GLU A 205 -20.87 -7.34 -6.16
C GLU A 205 -20.33 -7.53 -7.57
N ARG A 206 -21.11 -8.21 -8.42
CA ARG A 206 -20.64 -8.60 -9.74
C ARG A 206 -21.46 -7.95 -10.84
N PRO A 207 -20.82 -7.67 -12.00
CA PRO A 207 -19.46 -8.06 -12.35
C PRO A 207 -18.34 -7.41 -11.50
N PHE A 208 -17.33 -8.22 -11.14
CA PHE A 208 -16.16 -7.76 -10.39
C PHE A 208 -15.01 -7.67 -11.38
N LEU A 209 -14.47 -6.46 -11.52
CA LEU A 209 -13.39 -6.19 -12.47
C LEU A 209 -12.08 -5.88 -11.72
N ALA A 210 -11.02 -6.62 -12.03
CA ALA A 210 -9.71 -6.24 -11.53
C ALA A 210 -8.98 -5.49 -12.64
N ILE A 211 -8.39 -4.35 -12.30
CA ILE A 211 -7.50 -3.65 -13.20
C ILE A 211 -6.06 -3.79 -12.70
N LEU A 212 -5.27 -4.62 -13.39
CA LEU A 212 -3.89 -4.87 -12.96
C LEU A 212 -2.89 -4.23 -13.90
N GLY A 213 -2.12 -3.27 -13.40
CA GLY A 213 -1.14 -2.57 -14.21
C GLY A 213 0.25 -2.79 -13.62
N GLY A 214 1.16 -1.85 -13.85
CA GLY A 214 2.51 -1.97 -13.34
C GLY A 214 3.52 -2.34 -14.40
N ALA A 215 4.60 -2.99 -14.01
CA ALA A 215 5.66 -3.25 -14.93
C ALA A 215 6.06 -4.68 -15.16
N LYS A 216 6.57 -5.32 -14.14
CA LYS A 216 7.03 -6.69 -14.27
C LYS A 216 5.87 -7.68 -14.16
N VAL A 217 6.03 -8.85 -14.78
CA VAL A 217 4.97 -9.86 -14.73
C VAL A 217 5.30 -11.01 -13.76
N ALA A 218 6.57 -11.37 -13.69
CA ALA A 218 7.01 -12.54 -12.95
C ALA A 218 6.55 -12.50 -11.50
N ASP A 219 6.59 -11.31 -10.91
CA ASP A 219 6.30 -11.15 -9.50
C ASP A 219 4.81 -10.93 -9.26
N LYS A 220 4.01 -10.97 -10.34
CA LYS A 220 2.57 -10.77 -10.21
C LYS A 220 1.80 -12.00 -10.65
N ILE A 221 2.52 -13.07 -10.94
CA ILE A 221 1.92 -14.34 -11.37
C ILE A 221 0.98 -14.93 -10.31
N GLN A 222 1.35 -14.85 -9.06
CA GLN A 222 0.50 -15.29 -8.01
C GLN A 222 -0.73 -14.40 -7.83
N LEU A 223 -0.53 -13.11 -7.93
CA LEU A 223 -1.62 -12.15 -7.86
C LEU A 223 -2.65 -12.44 -8.95
N ILE A 224 -2.19 -12.48 -10.20
CA ILE A 224 -3.08 -12.72 -11.33
C ILE A 224 -3.80 -14.05 -11.14
N ASN A 225 -3.08 -15.09 -10.76
CA ASN A 225 -3.66 -16.37 -10.52
C ASN A 225 -4.78 -16.35 -9.52
N ASN A 226 -4.56 -15.73 -8.40
CA ASN A 226 -5.58 -15.65 -7.36
C ASN A 226 -6.76 -14.82 -7.81
N MET A 227 -6.48 -13.69 -8.46
CA MET A 227 -7.56 -12.82 -8.93
C MET A 227 -8.43 -13.51 -10.00
N LEU A 228 -7.81 -14.30 -10.88
CA LEU A 228 -8.59 -15.07 -11.86
C LEU A 228 -9.62 -16.00 -11.20
N ASP A 229 -9.41 -16.37 -9.94
CA ASP A 229 -10.38 -17.20 -9.22
C ASP A 229 -11.49 -16.39 -8.56
N LYS A 230 -11.38 -15.08 -8.57
CA LYS A 230 -12.34 -14.23 -7.96
C LYS A 230 -13.10 -13.27 -8.87
N VAL A 231 -12.48 -12.84 -9.93
CA VAL A 231 -13.08 -11.79 -10.76
C VAL A 231 -13.92 -12.33 -11.93
N ASN A 232 -14.71 -11.43 -12.54
CA ASN A 232 -15.46 -11.74 -13.76
C ASN A 232 -14.78 -11.16 -14.99
N GLU A 233 -14.09 -10.03 -14.80
CA GLU A 233 -13.31 -9.39 -15.86
C GLU A 233 -11.97 -8.96 -15.30
N MET A 234 -10.97 -8.86 -16.17
CA MET A 234 -9.68 -8.35 -15.76
C MET A 234 -9.03 -7.53 -16.87
N ILE A 235 -8.69 -6.28 -16.56
CA ILE A 235 -7.83 -5.50 -17.45
C ILE A 235 -6.39 -5.78 -17.05
N ILE A 236 -5.55 -6.12 -18.03
CA ILE A 236 -4.11 -6.29 -17.81
C ILE A 236 -3.41 -5.21 -18.65
N GLY A 237 -2.88 -4.18 -17.96
CA GLY A 237 -2.35 -3.03 -18.67
C GLY A 237 -0.94 -2.65 -18.27
N GLY A 238 -0.51 -1.43 -18.62
CA GLY A 238 0.83 -0.96 -18.29
C GLY A 238 1.90 -1.76 -18.98
N GLY A 239 3.07 -1.87 -18.33
CA GLY A 239 4.19 -2.57 -18.92
C GLY A 239 3.94 -4.07 -19.00
N MET A 240 3.10 -4.55 -18.09
CA MET A 240 2.77 -5.96 -18.02
C MET A 240 2.19 -6.50 -19.33
N ALA A 241 1.38 -5.69 -19.99
CA ALA A 241 0.57 -6.18 -21.11
C ALA A 241 1.40 -6.70 -22.28
N PHE A 242 2.56 -6.09 -22.53
CA PHE A 242 3.36 -6.45 -23.69
C PHE A 242 3.79 -7.91 -23.67
N THR A 243 3.97 -8.48 -22.48
CA THR A 243 4.35 -9.88 -22.41
C THR A 243 3.20 -10.75 -22.94
N PHE A 244 1.98 -10.45 -22.51
CA PHE A 244 0.79 -11.17 -23.01
C PHE A 244 0.60 -10.96 -24.51
N LEU A 245 0.79 -9.72 -24.99
CA LEU A 245 0.58 -9.41 -26.42
C LEU A 245 1.58 -10.13 -27.32
N LYS A 246 2.82 -10.17 -26.91
CA LYS A 246 3.80 -10.85 -27.71
C LYS A 246 3.51 -12.33 -27.78
N VAL A 247 3.21 -12.92 -26.67
CA VAL A 247 2.98 -14.37 -26.60
C VAL A 247 1.66 -14.82 -27.22
N LEU A 248 0.59 -14.07 -26.97
CA LEU A 248 -0.74 -14.51 -27.34
C LEU A 248 -1.13 -14.06 -28.73
N ASN A 249 -0.62 -12.89 -29.13
CA ASN A 249 -1.06 -12.23 -30.35
C ASN A 249 0.05 -11.93 -31.33
N ASN A 250 1.22 -12.52 -31.11
CA ASN A 250 2.30 -12.40 -32.08
C ASN A 250 2.70 -10.94 -32.31
N MET A 251 2.41 -10.07 -31.35
CA MET A 251 2.67 -8.64 -31.54
C MET A 251 4.17 -8.31 -31.61
N GLU A 252 4.55 -7.40 -32.49
CA GLU A 252 5.86 -6.82 -32.47
C GLU A 252 5.91 -5.71 -31.45
N ILE A 253 6.71 -5.84 -30.41
CA ILE A 253 6.61 -4.88 -29.31
C ILE A 253 7.80 -3.94 -29.20
N GLY A 254 8.74 -4.04 -30.14
CA GLY A 254 9.91 -3.18 -30.12
C GLY A 254 10.79 -3.44 -28.91
N THR A 255 11.20 -2.36 -28.23
CA THR A 255 11.99 -2.50 -27.03
C THR A 255 11.12 -2.32 -25.78
N SER A 256 9.81 -2.45 -25.94
CA SER A 256 8.89 -2.42 -24.81
C SER A 256 9.25 -3.48 -23.78
N LEU A 257 8.87 -3.26 -22.52
CA LEU A 257 9.09 -4.23 -21.45
C LEU A 257 8.63 -5.63 -21.83
N TYR A 258 9.53 -6.61 -21.68
CA TYR A 258 9.18 -8.00 -21.94
C TYR A 258 9.74 -8.88 -20.82
N ASP A 259 8.86 -9.68 -20.21
CA ASP A 259 9.24 -10.54 -19.09
C ASP A 259 9.40 -11.97 -19.57
N GLU A 260 10.64 -12.39 -19.77
CA GLU A 260 10.92 -13.74 -20.26
C GLU A 260 10.41 -14.83 -19.32
N GLU A 261 10.57 -14.62 -18.02
CA GLU A 261 10.04 -15.57 -17.04
C GLU A 261 8.51 -15.59 -17.07
N GLY A 262 7.91 -14.40 -17.12
CA GLY A 262 6.47 -14.27 -17.24
C GLY A 262 5.89 -14.94 -18.46
N ALA A 263 6.58 -14.79 -19.60
CA ALA A 263 6.08 -15.30 -20.88
C ALA A 263 5.77 -16.80 -20.84
N LYS A 264 6.49 -17.55 -20.00
CA LYS A 264 6.33 -19.00 -19.92
C LYS A 264 5.00 -19.45 -19.32
N ILE A 265 4.37 -18.57 -18.60
CA ILE A 265 3.16 -18.93 -17.94
C ILE A 265 1.95 -18.24 -18.45
N VAL A 266 2.13 -17.42 -19.47
CA VAL A 266 1.08 -16.59 -20.01
C VAL A 266 -0.06 -17.40 -20.53
N LYS A 267 0.22 -18.44 -21.27
CA LYS A 267 -0.84 -19.30 -21.80
C LYS A 267 -1.58 -20.04 -20.69
N ASP A 268 -0.86 -20.46 -19.64
CA ASP A 268 -1.51 -21.09 -18.48
C ASP A 268 -2.52 -20.13 -17.88
N LEU A 269 -2.09 -18.90 -17.65
CA LEU A 269 -2.97 -17.88 -17.07
C LEU A 269 -4.24 -17.68 -17.91
N MET A 270 -4.08 -17.63 -19.24
CA MET A 270 -5.21 -17.37 -20.14
C MET A 270 -6.13 -18.59 -20.25
N SER A 271 -5.56 -19.79 -20.15
CA SER A 271 -6.37 -21.00 -20.14
C SER A 271 -7.26 -20.96 -18.91
N LYS A 272 -6.67 -20.56 -17.78
CA LYS A 272 -7.40 -20.46 -16.53
C LYS A 272 -8.53 -19.44 -16.67
N ALA A 273 -8.23 -18.30 -17.27
CA ALA A 273 -9.22 -17.25 -17.49
C ALA A 273 -10.42 -17.75 -18.30
N GLU A 274 -10.13 -18.43 -19.41
CA GLU A 274 -11.17 -18.94 -20.30
C GLU A 274 -12.00 -20.02 -19.59
N LYS A 275 -11.38 -20.93 -18.91
CA LYS A 275 -12.10 -21.92 -18.17
C LYS A 275 -12.98 -21.24 -17.15
N ASN A 276 -12.51 -20.19 -16.48
CA ASN A 276 -13.34 -19.53 -15.48
C ASN A 276 -14.36 -18.52 -16.02
N GLY A 277 -14.36 -18.32 -17.34
CA GLY A 277 -15.27 -17.37 -17.94
C GLY A 277 -14.91 -15.94 -17.63
N VAL A 278 -13.64 -15.68 -17.35
CA VAL A 278 -13.18 -14.33 -17.06
C VAL A 278 -12.85 -13.65 -18.38
N LYS A 279 -13.43 -12.47 -18.62
CA LYS A 279 -13.13 -11.70 -19.83
C LYS A 279 -11.87 -10.86 -19.62
N ILE A 280 -10.84 -11.13 -20.43
CA ILE A 280 -9.59 -10.39 -20.34
C ILE A 280 -9.58 -9.25 -21.35
N THR A 281 -9.28 -8.04 -20.88
CA THR A 281 -9.14 -6.88 -21.74
C THR A 281 -7.69 -6.40 -21.68
N LEU A 282 -6.95 -6.62 -22.77
CA LEU A 282 -5.60 -6.11 -22.93
C LEU A 282 -5.68 -4.83 -23.77
N PRO A 283 -4.65 -3.98 -23.72
CA PRO A 283 -4.69 -2.79 -24.60
C PRO A 283 -4.69 -3.20 -26.08
N VAL A 284 -5.22 -2.34 -26.96
CA VAL A 284 -5.24 -2.60 -28.40
C VAL A 284 -4.43 -1.57 -29.17
N ASP A 285 -4.00 -0.51 -28.47
CA ASP A 285 -3.17 0.54 -29.08
C ASP A 285 -2.33 1.20 -27.99
N PHE A 286 -1.39 2.05 -28.40
CA PHE A 286 -0.35 2.52 -27.48
C PHE A 286 0.18 3.90 -27.85
N VAL A 287 0.64 4.63 -26.85
CA VAL A 287 1.45 5.82 -27.11
C VAL A 287 2.88 5.31 -27.07
N THR A 288 3.63 5.57 -28.15
CA THR A 288 4.99 5.03 -28.24
C THR A 288 6.01 6.13 -27.99
N ALA A 289 7.26 5.74 -27.76
CA ALA A 289 8.34 6.70 -27.53
C ALA A 289 9.64 6.12 -28.06
N ASP A 290 10.50 6.98 -28.59
CA ASP A 290 11.76 6.52 -29.16
C ASP A 290 12.83 6.29 -28.10
N LYS A 291 12.58 6.74 -26.87
CA LYS A 291 13.52 6.54 -25.75
C LYS A 291 12.72 6.54 -24.46
N PHE A 292 13.29 5.95 -23.42
CA PHE A 292 12.60 5.94 -22.13
C PHE A 292 12.86 7.28 -21.42
N ASP A 293 12.19 8.33 -21.88
CA ASP A 293 12.44 9.70 -21.39
C ASP A 293 11.16 10.56 -21.36
N GLU A 294 11.05 11.40 -20.34
CA GLU A 294 9.91 12.33 -20.24
C GLU A 294 9.69 13.15 -21.51
N ASN A 295 10.77 13.48 -22.20
CA ASN A 295 10.69 14.35 -23.36
C ASN A 295 11.01 13.63 -24.66
N ALA A 296 10.76 12.33 -24.71
CA ALA A 296 10.99 11.54 -25.91
C ALA A 296 10.05 11.97 -27.04
N LYS A 297 10.42 11.64 -28.27
CA LYS A 297 9.51 11.78 -29.39
C LYS A 297 8.42 10.73 -29.19
N THR A 298 7.19 11.07 -29.53
CA THR A 298 6.09 10.14 -29.33
C THR A 298 5.49 9.71 -30.65
N GLY A 299 4.82 8.56 -30.63
CA GLY A 299 4.14 8.04 -31.80
C GLY A 299 2.92 7.25 -31.34
N GLN A 300 2.21 6.66 -32.30
CA GLN A 300 1.04 5.87 -31.98
C GLN A 300 1.13 4.54 -32.74
N ALA A 301 0.71 3.46 -32.07
CA ALA A 301 0.69 2.15 -32.68
C ALA A 301 -0.48 1.33 -32.15
N THR A 302 -0.85 0.30 -32.90
CA THR A 302 -1.89 -0.65 -32.48
C THR A 302 -1.24 -2.02 -32.38
N VAL A 303 -1.99 -3.03 -31.91
CA VAL A 303 -1.45 -4.39 -31.85
C VAL A 303 -1.12 -4.87 -33.26
N ALA A 304 -2.02 -4.58 -34.20
CA ALA A 304 -1.90 -5.01 -35.59
C ALA A 304 -0.69 -4.43 -36.30
N SER A 305 -0.43 -3.13 -36.10
CA SER A 305 0.67 -2.45 -36.78
C SER A 305 2.03 -2.70 -36.15
N GLY A 306 2.04 -3.10 -34.88
CA GLY A 306 3.27 -3.31 -34.15
C GLY A 306 3.89 -2.00 -33.72
N ILE A 307 4.82 -2.07 -32.80
CA ILE A 307 5.54 -0.94 -32.34
C ILE A 307 6.80 -1.06 -33.12
N PRO A 308 7.20 0.00 -33.76
CA PRO A 308 8.29 -0.06 -34.72
C PRO A 308 9.74 -0.30 -34.40
N ALA A 309 10.48 0.70 -34.83
CA ALA A 309 11.92 0.68 -34.92
C ALA A 309 12.66 0.88 -33.66
N GLY A 310 12.64 -0.10 -32.78
CA GLY A 310 13.33 0.08 -31.52
C GLY A 310 12.56 1.01 -30.60
N TRP A 311 11.30 1.28 -30.90
CA TRP A 311 10.48 2.10 -30.07
C TRP A 311 9.85 1.28 -28.92
N MET A 312 9.25 1.93 -27.96
CA MET A 312 8.62 1.26 -26.81
C MET A 312 7.26 1.88 -26.54
N GLY A 313 6.32 1.09 -26.01
CA GLY A 313 5.03 1.62 -25.62
C GLY A 313 5.05 2.07 -24.17
N LEU A 314 4.62 3.30 -23.89
CA LEU A 314 4.72 3.81 -22.51
C LEU A 314 3.37 4.24 -21.97
N ASP A 315 2.34 4.15 -22.82
CA ASP A 315 0.96 4.37 -22.38
C ASP A 315 0.06 3.61 -23.36
N CYS A 316 -1.18 3.35 -22.95
CA CYS A 316 -2.15 2.79 -23.88
C CYS A 316 -2.71 3.93 -24.73
N GLY A 317 -3.32 3.58 -25.84
CA GLY A 317 -3.91 4.59 -26.71
C GLY A 317 -5.36 4.93 -26.43
N THR A 318 -5.92 5.67 -27.32
CA THR A 318 -7.22 6.19 -27.19
C THR A 318 -8.30 5.11 -27.28
N GLU A 319 -8.09 4.13 -28.13
CA GLU A 319 -9.02 3.01 -28.26
C GLU A 319 -8.97 2.04 -27.08
N SER A 320 -7.77 1.85 -26.53
CA SER A 320 -7.61 1.06 -25.32
C SER A 320 -8.46 1.68 -24.20
N SER A 321 -8.35 3.00 -24.07
CA SER A 321 -9.12 3.72 -23.07
C SER A 321 -10.62 3.46 -23.23
N LYS A 322 -11.08 3.30 -24.47
CA LYS A 322 -12.49 2.99 -24.70
C LYS A 322 -12.83 1.58 -24.20
N LYS A 323 -11.99 0.61 -24.56
CA LYS A 323 -12.16 -0.77 -24.08
C LYS A 323 -12.15 -0.81 -22.56
N TYR A 324 -11.21 -0.10 -21.95
CA TYR A 324 -11.13 -0.05 -20.49
C TYR A 324 -12.41 0.57 -19.96
N ALA A 325 -12.87 1.63 -20.62
CA ALA A 325 -14.05 2.36 -20.15
C ALA A 325 -15.32 1.50 -20.22
N GLU A 326 -15.39 0.63 -21.22
CA GLU A 326 -16.51 -0.32 -21.36
C GLU A 326 -16.52 -1.35 -20.22
N ALA A 327 -15.35 -1.88 -19.89
CA ALA A 327 -15.22 -2.83 -18.81
C ALA A 327 -15.62 -2.15 -17.49
N VAL A 328 -15.12 -0.94 -17.26
CA VAL A 328 -15.49 -0.17 -16.09
C VAL A 328 -17.01 0.07 -16.06
N GLY A 329 -17.57 0.34 -17.23
CA GLY A 329 -19.00 0.55 -17.38
C GLY A 329 -19.81 -0.65 -16.91
N ARG A 330 -19.29 -1.85 -17.17
CA ARG A 330 -19.99 -3.07 -16.79
C ARG A 330 -19.79 -3.46 -15.32
N ALA A 331 -18.79 -2.87 -14.66
CA ALA A 331 -18.43 -3.31 -13.30
C ALA A 331 -19.40 -2.82 -12.23
N LYS A 332 -19.69 -3.68 -11.25
CA LYS A 332 -20.32 -3.21 -10.02
C LYS A 332 -19.29 -3.10 -8.89
N GLN A 333 -18.16 -3.77 -9.09
CA GLN A 333 -17.05 -3.77 -8.12
C GLN A 333 -15.75 -3.65 -8.91
N ILE A 334 -14.86 -2.78 -8.46
CA ILE A 334 -13.58 -2.61 -9.15
C ILE A 334 -12.41 -2.57 -8.19
N VAL A 335 -11.39 -3.38 -8.44
CA VAL A 335 -10.13 -3.22 -7.71
C VAL A 335 -9.03 -2.85 -8.71
N TRP A 336 -8.43 -1.68 -8.52
CA TRP A 336 -7.36 -1.21 -9.40
C TRP A 336 -6.02 -1.16 -8.65
N ASN A 337 -5.09 -1.99 -9.12
CA ASN A 337 -3.74 -2.04 -8.57
C ASN A 337 -2.69 -2.00 -9.69
N GLY A 338 -1.83 -0.99 -9.66
CA GLY A 338 -0.80 -0.86 -10.68
C GLY A 338 -1.24 0.11 -11.76
N PRO A 339 -0.31 0.92 -12.24
CA PRO A 339 -0.62 1.93 -13.25
C PRO A 339 -0.76 1.31 -14.64
N VAL A 340 -1.47 1.97 -15.55
CA VAL A 340 -1.57 1.47 -16.93
C VAL A 340 -0.71 2.26 -17.91
N GLY A 341 0.09 3.20 -17.39
CA GLY A 341 0.97 3.97 -18.24
C GLY A 341 2.03 4.63 -17.38
N VAL A 342 3.01 5.29 -18.00
CA VAL A 342 4.02 6.01 -17.21
C VAL A 342 3.53 7.44 -16.93
N PHE A 343 2.57 7.55 -16.02
CA PHE A 343 1.85 8.82 -15.87
C PHE A 343 2.61 9.93 -15.16
N GLU A 344 3.80 9.64 -14.63
CA GLU A 344 4.62 10.72 -14.06
C GLU A 344 4.97 11.67 -15.19
N TRP A 345 5.05 11.13 -16.40
CA TRP A 345 5.37 11.94 -17.57
C TRP A 345 4.08 12.26 -18.31
N GLU A 346 3.80 13.51 -18.44
CA GLU A 346 2.59 13.97 -19.05
C GLU A 346 2.25 13.41 -20.43
N ALA A 347 3.22 13.18 -21.30
CA ALA A 347 2.96 12.59 -22.62
C ALA A 347 2.47 11.13 -22.54
N PHE A 348 2.58 10.52 -21.36
CA PHE A 348 2.17 9.13 -21.17
C PHE A 348 1.20 8.98 -19.99
N ALA A 349 0.46 10.04 -19.69
CA ALA A 349 -0.42 10.07 -18.53
C ALA A 349 -1.89 9.94 -18.92
N ARG A 350 -2.17 10.09 -20.21
CA ARG A 350 -3.54 10.18 -20.71
C ARG A 350 -4.36 8.94 -20.38
N GLY A 351 -3.72 7.79 -20.55
CA GLY A 351 -4.37 6.52 -20.26
C GLY A 351 -4.82 6.48 -18.83
N THR A 352 -3.93 6.87 -17.93
CA THR A 352 -4.24 6.85 -16.51
C THR A 352 -5.35 7.85 -16.16
N LYS A 353 -5.27 9.06 -16.70
CA LYS A 353 -6.27 10.08 -16.41
C LYS A 353 -7.68 9.72 -16.89
N SER A 354 -7.80 9.27 -18.14
CA SER A 354 -9.07 8.77 -18.63
C SER A 354 -9.62 7.64 -17.75
N LEU A 355 -8.77 6.69 -17.39
CA LEU A 355 -9.24 5.58 -16.61
C LEU A 355 -9.73 6.03 -15.24
N MET A 356 -9.00 6.94 -14.60
CA MET A 356 -9.43 7.44 -13.29
C MET A 356 -10.78 8.14 -13.44
N ASP A 357 -10.95 8.86 -14.56
CA ASP A 357 -12.22 9.51 -14.87
C ASP A 357 -13.35 8.49 -14.90
N GLU A 358 -13.10 7.37 -15.56
CA GLU A 358 -14.11 6.33 -15.69
C GLU A 358 -14.42 5.71 -14.33
N VAL A 359 -13.38 5.52 -13.52
CA VAL A 359 -13.57 4.92 -12.21
C VAL A 359 -14.29 5.88 -11.25
N VAL A 360 -14.09 7.19 -11.44
CA VAL A 360 -14.79 8.17 -10.62
C VAL A 360 -16.28 8.20 -10.99
N LYS A 361 -16.55 8.25 -12.30
CA LYS A 361 -17.92 8.12 -12.82
C LYS A 361 -18.63 6.89 -12.28
N ALA A 362 -17.98 5.73 -12.38
CA ALA A 362 -18.59 4.48 -11.91
C ALA A 362 -18.97 4.61 -10.44
N THR A 363 -18.10 5.23 -9.65
CA THR A 363 -18.40 5.39 -8.23
C THR A 363 -19.67 6.19 -8.02
N SER A 364 -19.90 7.18 -8.89
CA SER A 364 -21.02 8.09 -8.72
C SER A 364 -22.33 7.39 -8.97
N ARG A 365 -22.29 6.33 -9.79
CA ARG A 365 -23.48 5.53 -10.05
C ARG A 365 -23.49 4.22 -9.28
N GLY A 366 -22.70 4.17 -8.20
CA GLY A 366 -22.86 3.14 -7.20
C GLY A 366 -21.88 1.99 -7.30
N CYS A 367 -20.90 2.09 -8.19
CA CYS A 367 -19.86 1.07 -8.27
C CYS A 367 -18.94 1.14 -7.06
N ILE A 368 -18.63 -0.02 -6.49
CA ILE A 368 -17.69 -0.06 -5.38
C ILE A 368 -16.27 -0.04 -5.94
N THR A 369 -15.53 1.02 -5.62
CA THR A 369 -14.24 1.24 -6.26
C THR A 369 -13.07 1.33 -5.28
N ILE A 370 -12.12 0.43 -5.46
CA ILE A 370 -10.95 0.32 -4.61
C ILE A 370 -9.70 0.57 -5.46
N ILE A 371 -9.02 1.67 -5.21
CA ILE A 371 -7.77 1.92 -5.93
C ILE A 371 -6.60 1.98 -4.97
N GLY A 372 -5.40 1.70 -5.48
CA GLY A 372 -4.20 1.91 -4.70
C GLY A 372 -3.87 3.40 -4.69
N GLY A 373 -3.11 3.83 -3.68
CA GLY A 373 -2.61 5.19 -3.64
C GLY A 373 -1.14 5.22 -4.04
N GLY A 374 -0.74 6.24 -4.78
CA GLY A 374 0.64 6.36 -5.21
C GLY A 374 0.93 5.76 -6.59
N ASP A 375 1.54 4.57 -6.60
CA ASP A 375 1.99 3.95 -7.84
C ASP A 375 0.87 3.74 -8.88
N THR A 376 -0.36 3.51 -8.41
CA THR A 376 -1.49 3.22 -9.30
C THR A 376 -2.00 4.43 -10.11
N ALA A 377 -2.22 5.55 -9.45
CA ALA A 377 -2.59 6.78 -10.15
C ALA A 377 -2.17 8.03 -9.36
N THR A 378 -2.51 9.20 -9.88
CA THR A 378 -2.12 10.45 -9.25
C THR A 378 -2.91 10.73 -7.97
N ASP A 387 -10.96 10.11 -3.39
CA ASP A 387 -11.99 10.66 -2.52
C ASP A 387 -13.27 10.92 -3.33
N LYS A 388 -13.18 10.57 -4.61
CA LYS A 388 -14.33 10.47 -5.49
C LYS A 388 -14.44 8.98 -5.86
N VAL A 389 -13.75 8.15 -5.09
CA VAL A 389 -13.82 6.69 -5.22
C VAL A 389 -14.20 6.14 -3.85
N SER A 390 -14.57 4.86 -3.77
CA SER A 390 -15.04 4.31 -2.50
C SER A 390 -13.92 4.19 -1.47
N HIS A 391 -12.76 3.73 -1.91
CA HIS A 391 -11.65 3.47 -1.00
C HIS A 391 -10.30 3.62 -1.71
N VAL A 392 -9.48 4.55 -1.23
CA VAL A 392 -8.11 4.64 -1.71
C VAL A 392 -7.20 4.04 -0.64
N SER A 393 -6.55 2.92 -0.98
CA SER A 393 -5.72 2.23 0.02
C SER A 393 -4.46 3.01 0.37
N THR A 394 -4.07 2.93 1.62
CA THR A 394 -2.83 3.46 2.08
C THR A 394 -1.77 2.38 2.01
N GLY A 395 -2.11 1.18 1.61
CA GLY A 395 -1.09 0.18 1.56
C GLY A 395 -0.84 -0.54 0.26
N GLY A 396 0.24 -0.18 -0.42
CA GLY A 396 0.55 -0.88 -1.62
C GLY A 396 1.14 -2.27 -1.56
N GLY A 397 2.25 -2.43 -0.88
CA GLY A 397 2.78 -3.77 -0.62
C GLY A 397 1.80 -4.62 0.18
N ALA A 398 1.15 -4.02 1.16
CA ALA A 398 0.25 -4.78 2.02
C ALA A 398 -1.00 -5.26 1.28
N SER A 399 -1.58 -4.41 0.45
CA SER A 399 -2.76 -4.80 -0.31
C SER A 399 -2.41 -5.88 -1.33
N LEU A 400 -1.21 -5.78 -1.91
CA LEU A 400 -0.72 -6.78 -2.86
C LEU A 400 -0.74 -8.18 -2.22
N GLU A 401 -0.24 -8.27 -0.99
CA GLU A 401 -0.30 -9.52 -0.24
C GLU A 401 -1.73 -10.04 -0.14
N LEU A 402 -2.66 -9.17 0.26
CA LEU A 402 -4.06 -9.55 0.35
C LEU A 402 -4.60 -10.01 -0.99
N LEU A 403 -4.26 -9.28 -2.06
CA LEU A 403 -4.74 -9.64 -3.37
C LEU A 403 -4.22 -10.99 -3.82
N GLU A 404 -3.03 -11.36 -3.32
CA GLU A 404 -2.43 -12.65 -3.65
C GLU A 404 -3.02 -13.77 -2.79
N GLY A 405 -3.83 -13.42 -1.80
CA GLY A 405 -4.44 -14.41 -0.93
C GLY A 405 -3.59 -14.73 0.30
N LYS A 406 -2.61 -13.88 0.61
CA LYS A 406 -1.71 -14.15 1.73
C LYS A 406 -2.21 -13.59 3.06
N VAL A 407 -1.61 -14.04 4.14
CA VAL A 407 -1.96 -13.58 5.48
C VAL A 407 -1.17 -12.32 5.86
N LEU A 408 -1.78 -11.42 6.62
CA LEU A 408 -1.08 -10.24 7.12
C LEU A 408 -0.62 -10.47 8.57
N PRO A 409 0.70 -10.58 8.79
CA PRO A 409 1.23 -10.88 10.13
C PRO A 409 0.79 -9.80 11.11
N GLY A 410 0.73 -8.54 10.67
CA GLY A 410 0.28 -7.48 11.54
C GLY A 410 -1.16 -7.72 11.98
N VAL A 411 -1.95 -8.39 11.15
CA VAL A 411 -3.35 -8.62 11.50
C VAL A 411 -3.48 -9.84 12.41
N ASP A 412 -2.72 -10.89 12.13
CA ASP A 412 -2.75 -12.12 12.94
C ASP A 412 -2.31 -11.92 14.38
N ALA A 413 -1.39 -10.97 14.58
CA ALA A 413 -0.81 -10.71 15.90
C ALA A 413 -1.80 -10.06 16.87
N LEU A 414 -2.92 -9.58 16.35
CA LEU A 414 -3.97 -8.95 17.18
C LEU A 414 -4.78 -9.97 17.98
N SER A 415 -5.25 -9.54 19.15
CA SER A 415 -6.11 -10.36 20.02
C SER A 415 -7.42 -10.74 19.32
N ASN A 416 -7.87 -11.99 19.51
CA ASN A 416 -9.19 -12.40 19.03
C ASN A 416 -10.26 -11.93 19.99
N VAL A 417 -11.52 -11.87 19.53
CA VAL A 417 -12.64 -11.57 20.42
C VAL A 417 -13.34 -12.85 20.87
CAO TZN B . 15.51 1.71 -23.14
CAQ TZN B . 15.89 0.94 -24.36
CAR TZN B . 15.17 -0.31 -24.06
OAA TZN B . 13.90 0.22 -23.80
CAJ TZN B . 14.15 1.17 -22.82
CAP TZN B . 13.99 0.54 -21.50
OAB TZN B . 14.94 0.30 -20.81
NAE TZN B . 12.64 0.20 -21.03
CAL TZN B . 12.43 -0.36 -19.79
CAN TZN B . 11.31 0.40 -19.13
CAK TZN B . 11.50 0.52 -21.82
CAM TZN B . 10.23 -0.06 -21.24
NAF TZN B . 10.11 0.24 -19.86
C2 TZN B . 8.88 0.49 -19.21
N3 TZN B . 9.00 0.70 -18.01
N1 TZN B . 7.78 0.48 -19.83
C6 TZN B . 6.63 0.73 -19.24
CAW TZN B . 5.44 0.73 -19.90
CAY TZN B . 4.28 0.97 -19.18
OAC TZN B . 3.00 1.05 -19.66
CBA TZN B . 2.79 0.85 -20.99
CAZ TZN B . 4.34 1.23 -17.84
OAD TZN B . 3.13 1.46 -17.31
CBB TZN B . 3.02 1.44 -15.98
CAX TZN B . 5.51 1.24 -17.17
C5 TZN B . 6.67 0.99 -17.87
C4 TZN B . 7.97 0.95 -17.28
NAI TZN B . 8.10 1.20 -15.91
HAS TZN B . 15.46 2.68 -23.34
HAT TZN B . 16.13 1.53 -22.41
HAV TZN B . 15.58 1.37 -25.17
HAU TZN B . 16.85 0.79 -24.37
HAX TZN B . 15.13 -0.86 -24.87
HAW TZN B . 15.54 -0.79 -23.31
HAJ TZN B . 13.48 1.86 -22.78
HAN TZN B . 12.19 -1.30 -19.88
HAM TZN B . 13.23 -0.29 -19.24
HAR TZN B . 11.17 0.06 -18.21
HAQ TZN B . 11.54 1.35 -19.09
HAL TZN B . 11.62 0.16 -22.73
HAK TZN B . 11.40 1.50 -21.87
HAO TZN B . 10.24 -1.04 -21.35
HAP TZN B . 9.47 0.30 -21.71
HAY TZN B . 5.41 0.55 -20.85
HBA TZN B . 2.60 -0.09 -21.15
HBC TZN B . 2.03 1.41 -21.29
HBB TZN B . 3.59 1.11 -21.49
HBE TZN B . 2.11 1.20 -15.72
HBD TZN B . 3.64 0.77 -15.61
HBF TZN B . 3.24 2.33 -15.61
HAZ TZN B . 5.54 1.42 -16.21
HBG TZN B . 7.90 0.55 -15.30
HAI TZN B . 8.39 2.01 -15.64
C1 3PG C . 5.24 0.52 2.66
O1 3PG C . 5.08 -0.40 1.80
O2 3PG C . 5.47 1.70 2.32
C2 3PG C . 5.16 0.17 4.13
O3 3PG C . 5.43 1.32 4.91
C3 3PG C . 6.25 -0.84 4.44
O1P 3PG C . 7.52 -0.19 4.18
P 3PG C . 8.73 -1.19 3.82
O2P 3PG C . 8.44 -1.80 2.45
O3P 3PG C . 8.79 -2.29 4.86
O4P 3PG C . 10.02 -0.42 3.82
#